data_6N3A
#
_entry.id   6N3A
#
_cell.length_a   1
_cell.length_b   1
_cell.length_c   1
_cell.angle_alpha   90
_cell.angle_beta   90
_cell.angle_gamma   90
#
_symmetry.space_group_name_H-M   'P 1'
#
loop_
_entity.id
_entity.type
_entity.pdbx_description
1 polymer 'TAR DNA-binding protein 43'
2 polymer 'segA long small'
#
loop_
_entity_poly.entity_id
_entity_poly.type
_entity_poly.pdbx_seq_one_letter_code
_entity_poly.pdbx_strand_id
1 'polypeptide(L)' MNFGAFSINPAMMAAAQAALQSSWGMMGMLASQQNQSGPSGNNQNQGNMQ A,B,C,D,E,F,G,H,I,J
2 'polypeptide(L)' GMLASQQNQS K,L,M,N,O,P,Q,R,S,T
#
# COMPACT_ATOMS: atom_id res chain seq x y z
N MET A 1 5.68 -7.90 2.24
CA MET A 1 6.60 -9.03 2.31
C MET A 1 5.90 -10.34 2.62
N ASN A 2 6.50 -11.44 2.19
CA ASN A 2 5.93 -12.77 2.35
C ASN A 2 7.00 -13.69 2.93
N PHE A 3 6.65 -14.43 3.97
CA PHE A 3 7.62 -15.29 4.64
C PHE A 3 7.22 -16.76 4.51
N GLY A 4 8.23 -17.61 4.39
CA GLY A 4 7.99 -19.04 4.38
C GLY A 4 7.85 -19.65 5.76
N ALA A 5 8.83 -19.43 6.64
CA ALA A 5 8.79 -20.03 7.97
C ALA A 5 8.77 -19.01 9.09
N PHE A 6 9.77 -18.12 9.14
CA PHE A 6 10.07 -17.25 10.28
C PHE A 6 10.19 -18.07 11.56
N SER A 7 11.24 -18.86 11.63
CA SER A 7 11.55 -19.64 12.82
C SER A 7 12.70 -18.97 13.56
N ILE A 8 12.48 -18.64 14.83
CA ILE A 8 13.53 -18.16 15.72
C ILE A 8 13.53 -19.06 16.94
N ASN A 9 14.59 -19.84 17.11
CA ASN A 9 14.62 -20.93 18.09
C ASN A 9 15.97 -20.98 18.80
N PRO A 10 16.05 -20.48 20.03
CA PRO A 10 17.30 -20.61 20.78
C PRO A 10 17.36 -21.85 21.66
N ALA A 11 18.55 -22.45 21.69
CA ALA A 11 18.85 -23.55 22.60
C ALA A 11 19.72 -22.99 23.72
N MET A 12 19.19 -23.00 24.93
CA MET A 12 19.86 -22.41 26.08
C MET A 12 19.97 -23.48 27.16
N MET A 13 21.20 -23.93 27.40
CA MET A 13 21.46 -25.16 28.14
C MET A 13 22.75 -24.99 28.92
N ALA A 14 22.68 -25.16 30.24
CA ALA A 14 23.86 -25.06 31.08
C ALA A 14 23.65 -25.93 32.32
N ALA A 15 24.17 -27.16 32.30
CA ALA A 15 23.98 -28.09 33.41
C ALA A 15 25.32 -28.68 33.83
N ALA A 16 26.08 -27.91 34.61
CA ALA A 16 27.20 -28.32 35.46
C ALA A 16 27.47 -27.16 36.40
N GLN A 17 28.63 -27.15 37.04
CA GLN A 17 29.02 -25.97 37.81
C GLN A 17 29.25 -24.86 36.79
N ALA A 18 28.15 -24.28 36.33
CA ALA A 18 28.15 -23.38 35.18
C ALA A 18 27.16 -22.25 35.39
N ALA A 19 27.33 -21.21 34.57
CA ALA A 19 26.49 -20.01 34.63
C ALA A 19 26.26 -19.53 33.20
N LEU A 20 24.99 -19.49 32.79
CA LEU A 20 24.62 -18.97 31.48
C LEU A 20 23.89 -17.65 31.67
N GLN A 21 24.12 -16.72 30.77
CA GLN A 21 23.57 -15.38 30.94
C GLN A 21 23.29 -14.77 29.58
N SER A 22 22.12 -14.16 29.44
CA SER A 22 21.67 -13.69 28.13
C SER A 22 20.74 -12.50 28.28
N SER A 23 20.79 -11.60 27.29
CA SER A 23 19.85 -10.49 27.22
C SER A 23 19.57 -10.14 25.76
N TRP A 24 18.34 -9.71 25.50
CA TRP A 24 17.92 -9.33 24.16
C TRP A 24 17.25 -7.98 24.19
N GLY A 25 17.65 -7.09 23.29
CA GLY A 25 16.83 -5.95 23.00
C GLY A 25 15.90 -6.30 21.85
N MET A 26 14.69 -6.72 22.19
CA MET A 26 13.62 -7.10 21.25
C MET A 26 14.07 -8.25 20.33
N MET A 27 14.17 -9.41 20.92
CA MET A 27 14.19 -10.65 20.14
C MET A 27 12.84 -10.84 19.47
N GLY A 28 12.82 -10.78 18.15
CA GLY A 28 11.58 -11.00 17.42
C GLY A 28 11.59 -10.24 16.10
N MET A 29 10.46 -9.58 15.81
CA MET A 29 10.35 -8.80 14.59
C MET A 29 9.61 -7.50 14.88
N LEU A 30 10.19 -6.38 14.44
CA LEU A 30 9.54 -5.08 14.51
C LEU A 30 9.17 -4.66 13.09
N ALA A 31 7.89 -4.57 12.82
CA ALA A 31 7.37 -4.09 11.53
C ALA A 31 6.74 -2.72 11.79
N SER A 32 7.54 -1.68 11.62
CA SER A 32 7.09 -0.32 11.88
C SER A 32 6.99 0.46 10.60
N GLN A 33 5.96 1.28 10.49
CA GLN A 33 5.83 2.19 9.37
C GLN A 33 5.12 3.45 9.83
N GLN A 34 5.58 4.58 9.32
CA GLN A 34 5.25 5.87 9.91
C GLN A 34 5.16 6.93 8.82
N ASN A 35 4.09 7.72 8.87
CA ASN A 35 3.94 8.90 8.05
C ASN A 35 3.81 10.12 8.94
N GLN A 36 4.59 11.16 8.66
CA GLN A 36 4.36 12.43 9.33
C GLN A 36 4.69 13.56 8.38
N SER A 37 3.94 14.64 8.50
CA SER A 37 4.10 15.79 7.64
C SER A 37 4.55 17.00 8.46
N GLY A 38 5.36 17.84 7.83
CA GLY A 38 5.82 19.05 8.46
C GLY A 38 4.75 20.11 8.47
N PRO A 39 4.93 21.14 9.29
CA PRO A 39 3.90 22.18 9.43
C PRO A 39 3.77 23.02 8.17
N SER A 40 2.55 23.52 7.97
CA SER A 40 2.16 24.40 6.87
C SER A 40 2.35 23.73 5.51
N GLY A 41 2.21 22.41 5.44
CA GLY A 41 2.24 21.74 4.16
C GLY A 41 0.87 21.65 3.50
N ASN A 42 0.88 21.45 2.19
CA ASN A 42 -0.35 21.14 1.44
C ASN A 42 -0.03 20.31 0.22
N ASN A 43 -1.06 19.63 -0.28
CA ASN A 43 -1.01 18.76 -1.45
C ASN A 43 0.10 17.72 -1.30
N GLN A 44 -0.07 16.86 -0.30
CA GLN A 44 0.92 15.85 0.04
C GLN A 44 0.26 14.48 0.09
N ASN A 45 0.93 13.49 -0.51
CA ASN A 45 0.50 12.11 -0.47
C ASN A 45 1.61 11.29 0.18
N GLN A 46 1.25 10.55 1.21
CA GLN A 46 2.20 9.73 1.96
C GLN A 46 1.57 8.38 2.23
N GLY A 47 2.19 7.33 1.74
CA GLY A 47 1.67 5.99 1.96
C GLY A 47 2.79 4.98 2.08
N ASN A 48 2.59 4.01 2.96
CA ASN A 48 3.57 2.98 3.24
C ASN A 48 2.91 1.63 3.07
N MET A 49 3.29 0.91 2.02
CA MET A 49 2.85 -0.44 1.81
C MET A 49 3.95 -1.40 2.26
N GLN A 50 3.62 -2.29 3.18
CA GLN A 50 4.61 -3.20 3.70
C GLN A 50 4.51 -4.53 2.99
N MET B 1 -0.60 8.09 -5.82
CA MET B 1 -0.41 9.25 -6.67
C MET B 1 -1.00 10.52 -6.07
N ASN B 2 -0.45 11.66 -6.46
CA ASN B 2 -0.85 12.96 -5.93
C ASN B 2 -1.09 13.90 -7.10
N PHE B 3 -2.22 14.59 -7.09
CA PHE B 3 -2.57 15.48 -8.20
C PHE B 3 -2.65 16.92 -7.73
N GLY B 4 -2.24 17.83 -8.61
CA GLY B 4 -2.38 19.24 -8.34
C GLY B 4 -3.76 19.79 -8.65
N ALA B 5 -4.25 19.60 -9.87
CA ALA B 5 -5.54 20.15 -10.26
C ALA B 5 -6.55 19.09 -10.65
N PHE B 6 -6.22 18.24 -11.64
CA PHE B 6 -7.15 17.35 -12.34
C PHE B 6 -8.36 18.14 -12.85
N SER B 7 -8.11 18.97 -13.85
CA SER B 7 -9.17 19.72 -14.50
C SER B 7 -9.45 19.09 -15.86
N ILE B 8 -10.70 18.71 -16.08
CA ILE B 8 -11.16 18.24 -17.39
C ILE B 8 -12.35 19.10 -17.77
N ASN B 9 -12.20 19.92 -18.80
CA ASN B 9 -13.16 20.97 -19.11
C ASN B 9 -13.39 21.06 -20.62
N PRO B 10 -14.49 20.53 -21.14
CA PRO B 10 -14.79 20.69 -22.56
C PRO B 10 -15.65 21.90 -22.87
N ALA B 11 -15.32 22.56 -23.98
CA ALA B 11 -16.12 23.64 -24.52
C ALA B 11 -16.86 23.09 -25.73
N MET B 12 -18.18 23.02 -25.64
CA MET B 12 -19.01 22.43 -26.68
C MET B 12 -20.04 23.47 -27.11
N MET B 13 -19.87 23.98 -28.33
CA MET B 13 -20.54 25.19 -28.78
C MET B 13 -20.84 25.05 -30.27
N ALA B 14 -22.11 25.17 -30.64
CA ALA B 14 -22.51 25.11 -32.05
C ALA B 14 -23.79 25.92 -32.23
N ALA B 15 -23.65 27.18 -32.66
CA ALA B 15 -24.82 28.05 -32.83
C ALA B 15 -24.79 28.69 -34.22
N ALA B 16 -25.23 27.93 -35.21
CA ALA B 16 -25.68 28.37 -36.54
C ALA B 16 -26.41 27.19 -37.15
N GLN B 17 -26.62 27.21 -38.47
CA GLN B 17 -27.16 26.03 -39.12
C GLN B 17 -26.07 24.97 -39.04
N ALA B 18 -25.98 24.35 -37.87
CA ALA B 18 -24.85 23.49 -37.51
C ALA B 18 -25.31 22.31 -36.69
N ALA B 19 -24.44 21.30 -36.62
CA ALA B 19 -24.73 20.07 -35.88
C ALA B 19 -23.43 19.62 -35.20
N LEU B 20 -23.47 19.54 -33.88
CA LEU B 20 -22.33 19.06 -33.10
C LEU B 20 -22.69 17.70 -32.52
N GLN B 21 -21.72 16.81 -32.46
CA GLN B 21 -21.99 15.44 -32.05
C GLN B 21 -20.78 14.86 -31.35
N SER B 22 -21.01 14.19 -30.22
CA SER B 22 -19.91 13.76 -29.37
C SER B 22 -20.30 12.51 -28.59
N SER B 23 -19.30 11.65 -28.33
CA SER B 23 -19.50 10.49 -27.47
C SER B 23 -18.20 10.18 -26.73
N TRP B 24 -18.35 9.70 -25.50
CA TRP B 24 -17.21 9.36 -24.67
C TRP B 24 -17.39 7.96 -24.09
N GLY B 25 -16.37 7.13 -24.20
CA GLY B 25 -16.31 5.96 -23.36
C GLY B 25 -15.55 6.30 -22.10
N MET B 26 -16.30 6.65 -21.04
CA MET B 26 -15.80 7.02 -19.71
C MET B 26 -14.84 8.21 -19.78
N MET B 27 -15.42 9.37 -20.05
CA MET B 27 -14.74 10.62 -19.76
C MET B 27 -14.56 10.78 -18.26
N GLY B 28 -13.33 10.76 -17.79
CA GLY B 28 -13.07 10.94 -16.37
C GLY B 28 -11.78 10.23 -15.96
N MET B 29 -11.85 9.53 -14.83
CA MET B 29 -10.71 8.77 -14.34
C MET B 29 -11.15 7.44 -13.79
N LEU B 30 -10.50 6.37 -14.22
CA LEU B 30 -10.72 5.03 -13.68
C LEU B 30 -9.48 4.65 -12.87
N ALA B 31 -9.65 4.49 -11.57
CA ALA B 31 -8.60 4.04 -10.67
C ALA B 31 -8.97 2.64 -10.20
N SER B 32 -8.50 1.64 -10.94
CA SER B 32 -8.83 0.26 -10.66
C SER B 32 -7.61 -0.49 -10.16
N GLN B 33 -7.82 -1.35 -9.18
CA GLN B 33 -6.76 -2.22 -8.71
C GLN B 33 -7.37 -3.53 -8.24
N GLN B 34 -6.67 -4.62 -8.53
CA GLN B 34 -7.28 -5.95 -8.48
C GLN B 34 -6.24 -6.98 -8.06
N ASN B 35 -6.61 -7.82 -7.10
CA ASN B 35 -5.81 -8.97 -6.72
C ASN B 35 -6.65 -10.22 -6.94
N GLN B 36 -6.07 -11.21 -7.60
CA GLN B 36 -6.72 -12.51 -7.67
C GLN B 36 -5.66 -13.60 -7.70
N SER B 37 -5.96 -14.72 -7.06
CA SER B 37 -5.04 -15.84 -6.96
C SER B 37 -5.60 -17.04 -7.70
N GLY B 38 -4.71 -17.82 -8.29
CA GLY B 38 -5.08 -19.03 -8.97
C GLY B 38 -5.40 -20.14 -8.00
N PRO B 39 -6.06 -21.18 -8.49
CA PRO B 39 -6.48 -22.27 -7.61
C PRO B 39 -5.30 -23.07 -7.08
N SER B 40 -5.51 -23.63 -5.89
CA SER B 40 -4.54 -24.49 -5.19
C SER B 40 -3.23 -23.76 -4.88
N GLY B 41 -3.28 -22.45 -4.67
CA GLY B 41 -2.10 -21.73 -4.24
C GLY B 41 -1.94 -21.69 -2.73
N ASN B 42 -0.71 -21.45 -2.29
CA ASN B 42 -0.44 -21.17 -0.89
C ASN B 42 0.78 -20.28 -0.74
N ASN B 43 0.86 -19.64 0.42
CA ASN B 43 1.95 -18.72 0.80
C ASN B 43 2.13 -17.63 -0.26
N GLN B 44 1.08 -16.82 -0.41
CA GLN B 44 1.04 -15.78 -1.42
C GLN B 44 0.71 -14.45 -0.78
N ASN B 45 1.45 -13.41 -1.17
CA ASN B 45 1.20 -12.04 -0.73
C ASN B 45 0.92 -11.20 -1.96
N GLN B 46 -0.21 -10.51 -1.95
CA GLN B 46 -0.63 -9.67 -3.06
C GLN B 46 -1.17 -8.36 -2.52
N GLY B 47 -0.55 -7.27 -2.90
CA GLY B 47 -0.99 -5.97 -2.44
C GLY B 47 -0.78 -4.90 -3.50
N ASN B 48 -1.72 -3.98 -3.56
CA ASN B 48 -1.71 -2.91 -4.56
C ASN B 48 -1.83 -1.59 -3.83
N MET B 49 -0.76 -0.83 -3.80
CA MET B 49 -0.78 0.52 -3.28
C MET B 49 -0.88 1.51 -4.42
N GLN B 50 -1.89 2.34 -4.40
CA GLN B 50 -2.10 3.29 -5.48
C GLN B 50 -1.53 4.64 -5.10
N MET C 1 3.31 8.18 -8.68
CA MET C 1 3.50 9.34 -9.55
C MET C 1 2.89 10.60 -8.96
N ASN C 2 3.44 11.75 -9.36
CA ASN C 2 3.03 13.05 -8.85
C ASN C 2 2.78 13.98 -10.02
N PHE C 3 1.65 14.66 -10.02
CA PHE C 3 1.30 15.53 -11.13
C PHE C 3 1.21 16.99 -10.68
N GLY C 4 1.61 17.88 -11.56
CA GLY C 4 1.46 19.29 -11.31
C GLY C 4 0.08 19.84 -11.62
N ALA C 5 -0.40 19.63 -12.85
CA ALA C 5 -1.70 20.17 -13.23
C ALA C 5 -2.71 19.10 -13.62
N PHE C 6 -2.38 18.25 -14.59
CA PHE C 6 -3.30 17.34 -15.29
C PHE C 6 -4.52 18.11 -15.81
N SER C 7 -4.26 18.94 -16.81
CA SER C 7 -5.33 19.68 -17.48
C SER C 7 -5.60 19.04 -18.82
N ILE C 8 -6.85 18.65 -19.05
CA ILE C 8 -7.31 18.17 -20.35
C ILE C 8 -8.51 19.00 -20.74
N ASN C 9 -8.36 19.83 -21.77
CA ASN C 9 -9.34 20.86 -22.09
C ASN C 9 -9.55 20.94 -23.60
N PRO C 10 -10.66 20.40 -24.11
CA PRO C 10 -10.95 20.54 -25.54
C PRO C 10 -11.82 21.74 -25.86
N ALA C 11 -11.49 22.40 -26.97
CA ALA C 11 -12.30 23.47 -27.53
C ALA C 11 -13.03 22.90 -28.74
N MET C 12 -14.36 22.83 -28.64
CA MET C 12 -15.18 22.22 -29.68
C MET C 12 -16.21 23.24 -30.12
N MET C 13 -16.05 23.74 -31.34
CA MET C 13 -16.73 24.94 -31.81
C MET C 13 -17.02 24.80 -33.29
N ALA C 14 -18.30 24.90 -33.67
CA ALA C 14 -18.70 24.83 -35.07
C ALA C 14 -19.98 25.63 -35.26
N ALA C 15 -19.85 26.88 -35.70
CA ALA C 15 -21.02 27.74 -35.88
C ALA C 15 -20.99 28.37 -37.27
N ALA C 16 -21.43 27.60 -38.26
CA ALA C 16 -21.88 28.02 -39.59
C ALA C 16 -22.61 26.83 -40.20
N GLN C 17 -22.82 26.85 -41.50
CA GLN C 17 -23.35 25.65 -42.16
C GLN C 17 -22.25 24.60 -42.06
N ALA C 18 -22.16 23.99 -40.88
CA ALA C 18 -21.03 23.16 -40.52
C ALA C 18 -21.49 21.96 -39.69
N ALA C 19 -20.60 20.96 -39.60
CA ALA C 19 -20.87 19.74 -38.85
C ALA C 19 -19.59 19.30 -38.18
N LEU C 20 -19.61 19.23 -36.85
CA LEU C 20 -18.48 18.76 -36.06
C LEU C 20 -18.83 17.40 -35.47
N GLN C 21 -17.85 16.52 -35.41
CA GLN C 21 -18.13 15.15 -34.99
C GLN C 21 -16.90 14.59 -34.28
N SER C 22 -17.12 13.93 -33.14
CA SER C 22 -16.02 13.50 -32.29
C SER C 22 -16.40 12.27 -31.49
N SER C 23 -15.41 11.43 -31.23
CA SER C 23 -15.59 10.27 -30.37
C SER C 23 -14.30 9.98 -29.62
N TRP C 24 -14.44 9.51 -28.38
CA TRP C 24 -13.30 9.17 -27.55
C TRP C 24 -13.47 7.78 -26.95
N GLY C 25 -12.44 6.96 -27.06
CA GLY C 25 -12.37 5.80 -26.21
C GLY C 25 -11.63 6.15 -24.95
N MET C 26 -12.37 6.50 -23.90
CA MET C 26 -11.88 6.89 -22.58
C MET C 26 -10.92 8.08 -22.66
N MET C 27 -11.51 9.23 -22.93
CA MET C 27 -10.84 10.50 -22.66
C MET C 27 -10.66 10.66 -21.15
N GLY C 28 -9.44 10.67 -20.68
CA GLY C 28 -9.17 10.86 -19.26
C GLY C 28 -7.88 10.16 -18.85
N MET C 29 -7.95 9.47 -17.71
CA MET C 29 -6.80 8.73 -17.21
C MET C 29 -7.24 7.38 -16.64
N LEU C 30 -6.59 6.32 -17.07
CA LEU C 30 -6.78 4.98 -16.52
C LEU C 30 -5.55 4.62 -15.71
N ALA C 31 -5.72 4.47 -14.40
CA ALA C 31 -4.67 4.03 -13.50
C ALA C 31 -5.03 2.64 -13.03
N SER C 32 -4.55 1.63 -13.75
CA SER C 32 -4.88 0.25 -13.46
C SER C 32 -3.64 -0.47 -12.94
N GLN C 33 -3.85 -1.34 -11.96
CA GLN C 33 -2.78 -2.20 -11.49
C GLN C 33 -3.39 -3.51 -11.01
N GLN C 34 -2.69 -4.60 -11.29
CA GLN C 34 -3.28 -5.93 -11.22
C GLN C 34 -2.23 -6.95 -10.79
N ASN C 35 -2.59 -7.78 -9.82
CA ASN C 35 -1.79 -8.93 -9.43
C ASN C 35 -2.62 -10.18 -9.64
N GLN C 36 -2.04 -11.17 -10.30
CA GLN C 36 -2.67 -12.48 -10.35
C GLN C 36 -1.61 -13.56 -10.38
N SER C 37 -1.92 -14.67 -9.72
CA SER C 37 -0.98 -15.78 -9.62
C SER C 37 -1.54 -17.00 -10.35
N GLY C 38 -0.63 -17.78 -10.92
CA GLY C 38 -1.00 -18.99 -11.59
C GLY C 38 -1.32 -20.10 -10.61
N PRO C 39 -1.96 -21.16 -11.09
CA PRO C 39 -2.38 -22.23 -10.20
C PRO C 39 -1.19 -23.03 -9.67
N SER C 40 -1.39 -23.58 -8.47
CA SER C 40 -0.43 -24.41 -7.75
C SER C 40 0.88 -23.67 -7.46
N GLY C 41 0.81 -22.37 -7.26
CA GLY C 41 2.00 -21.64 -6.85
C GLY C 41 2.16 -21.58 -5.33
N ASN C 42 3.38 -21.32 -4.90
CA ASN C 42 3.65 -21.03 -3.49
C ASN C 42 4.87 -20.13 -3.35
N ASN C 43 4.95 -19.48 -2.19
CA ASN C 43 6.02 -18.56 -1.82
C ASN C 43 6.19 -17.47 -2.89
N GLN C 44 5.14 -16.67 -3.05
CA GLN C 44 5.09 -15.64 -4.07
C GLN C 44 4.77 -14.30 -3.44
N ASN C 45 5.50 -13.27 -3.84
CA ASN C 45 5.23 -11.90 -3.42
C ASN C 45 4.95 -11.07 -4.64
N GLN C 46 3.81 -10.39 -4.64
CA GLN C 46 3.39 -9.56 -5.77
C GLN C 46 2.85 -8.25 -5.23
N GLY C 47 3.46 -7.15 -5.63
CA GLY C 47 3.01 -5.84 -5.18
C GLY C 47 3.21 -4.79 -6.25
N ASN C 48 2.25 -3.88 -6.33
CA ASN C 48 2.27 -2.82 -7.32
C ASN C 48 2.14 -1.49 -6.60
N MET C 49 3.21 -0.72 -6.59
CA MET C 49 3.18 0.64 -6.07
C MET C 49 3.08 1.61 -7.23
N GLN C 50 2.05 2.44 -7.20
CA GLN C 50 1.85 3.37 -8.29
C GLN C 50 2.41 4.73 -7.93
N MET D 1 9.68 -7.70 -0.47
CA MET D 1 10.62 -8.82 -0.40
C MET D 1 9.92 -10.13 -0.07
N ASN D 2 10.54 -11.24 -0.50
CA ASN D 2 9.98 -12.56 -0.33
C ASN D 2 11.05 -13.47 0.26
N PHE D 3 10.71 -14.21 1.32
CA PHE D 3 11.68 -15.06 1.99
C PHE D 3 11.29 -16.52 1.87
N GLY D 4 12.30 -17.36 1.76
CA GLY D 4 12.08 -18.79 1.76
C GLY D 4 11.94 -19.40 3.14
N ALA D 5 12.92 -19.16 4.02
CA ALA D 5 12.88 -19.76 5.36
C ALA D 5 12.85 -18.72 6.47
N PHE D 6 13.83 -17.82 6.51
CA PHE D 6 14.14 -16.94 7.64
C PHE D 6 14.25 -17.75 8.94
N SER D 7 15.32 -18.53 9.01
CA SER D 7 15.63 -19.30 10.21
C SER D 7 16.78 -18.62 10.95
N ILE D 8 16.55 -18.28 12.21
CA ILE D 8 17.60 -17.78 13.09
C ILE D 8 17.61 -18.67 14.33
N ASN D 9 18.67 -19.44 14.50
CA ASN D 9 18.70 -20.52 15.49
C ASN D 9 20.05 -20.55 16.20
N PRO D 10 20.13 -20.04 17.43
CA PRO D 10 21.38 -20.15 18.18
C PRO D 10 21.46 -21.39 19.06
N ALA D 11 22.65 -21.98 19.11
CA ALA D 11 22.95 -23.07 20.02
C ALA D 11 23.82 -22.50 21.14
N MET D 12 23.28 -22.49 22.35
CA MET D 12 23.96 -21.89 23.50
C MET D 12 24.07 -22.95 24.59
N MET D 13 25.30 -23.39 24.83
CA MET D 13 25.57 -24.61 25.58
C MET D 13 26.86 -24.43 26.36
N ALA D 14 26.80 -24.58 27.68
CA ALA D 14 27.98 -24.47 28.53
C ALA D 14 27.77 -25.33 29.77
N ALA D 15 28.28 -26.56 29.76
CA ALA D 15 28.11 -27.47 30.89
C ALA D 15 29.46 -28.05 31.31
N ALA D 16 30.20 -27.27 32.08
CA ALA D 16 31.32 -27.67 32.93
C ALA D 16 31.59 -26.49 33.86
N GLN D 17 32.76 -26.47 34.50
CA GLN D 17 33.13 -25.28 35.26
C GLN D 17 33.36 -24.18 34.24
N ALA D 18 32.26 -23.61 33.77
CA ALA D 18 32.25 -22.73 32.61
C ALA D 18 31.26 -21.59 32.81
N ALA D 19 31.42 -20.56 31.98
CA ALA D 19 30.57 -19.38 32.03
C ALA D 19 30.33 -18.89 30.60
N LEU D 20 29.07 -18.88 30.18
CA LEU D 20 28.68 -18.38 28.88
C LEU D 20 27.95 -17.06 29.04
N GLN D 21 28.17 -16.13 28.13
CA GLN D 21 27.61 -14.80 28.29
C GLN D 21 27.34 -14.20 26.92
N SER D 22 26.16 -13.60 26.78
CA SER D 22 25.70 -13.14 25.46
C SER D 22 24.77 -11.96 25.60
N SER D 23 24.81 -11.07 24.61
CA SER D 23 23.87 -9.97 24.52
C SER D 23 23.59 -9.63 23.07
N TRP D 24 22.36 -9.21 22.80
CA TRP D 24 21.93 -8.85 21.45
C TRP D 24 21.25 -7.50 21.47
N GLY D 25 21.65 -6.62 20.56
CA GLY D 25 20.82 -5.48 20.26
C GLY D 25 19.90 -5.84 19.12
N MET D 26 18.68 -6.27 19.45
CA MET D 26 17.62 -6.67 18.53
C MET D 26 18.07 -7.82 17.61
N MET D 27 18.19 -8.99 18.22
CA MET D 27 18.22 -10.22 17.45
C MET D 27 16.87 -10.43 16.78
N GLY D 28 16.83 -10.39 15.46
CA GLY D 28 15.60 -10.61 14.73
C GLY D 28 15.61 -9.86 13.41
N MET D 29 14.48 -9.22 13.10
CA MET D 29 14.36 -8.44 11.88
C MET D 29 13.61 -7.15 12.16
N LEU D 30 14.18 -6.04 11.72
CA LEU D 30 13.53 -4.74 11.76
C LEU D 30 13.16 -4.34 10.34
N ALA D 31 11.86 -4.25 10.07
CA ALA D 31 11.35 -3.79 8.79
C ALA D 31 10.71 -2.43 9.02
N SER D 32 11.50 -1.37 8.84
CA SER D 32 11.05 -0.01 9.10
C SER D 32 10.94 0.75 7.79
N GLN D 33 9.91 1.57 7.69
CA GLN D 33 9.77 2.46 6.56
C GLN D 33 9.06 3.72 7.01
N GLN D 34 9.50 4.85 6.48
CA GLN D 34 9.17 6.15 7.05
C GLN D 34 9.07 7.20 5.96
N ASN D 35 8.00 7.97 6.01
CA ASN D 35 7.84 9.15 5.16
C ASN D 35 7.70 10.37 6.05
N GLN D 36 8.47 11.42 5.76
CA GLN D 36 8.24 12.68 6.42
C GLN D 36 8.57 13.81 5.47
N SER D 37 7.79 14.89 5.58
CA SER D 37 7.95 16.04 4.70
C SER D 37 8.39 17.25 5.50
N GLY D 38 9.20 18.09 4.87
CA GLY D 38 9.65 19.31 5.49
C GLY D 38 8.57 20.36 5.50
N PRO D 39 8.75 21.40 6.30
CA PRO D 39 7.72 22.43 6.43
C PRO D 39 7.58 23.26 5.16
N SER D 40 6.36 23.76 4.97
CA SER D 40 5.96 24.62 3.85
C SER D 40 6.16 23.94 2.49
N GLY D 41 6.01 22.62 2.44
CA GLY D 41 6.05 21.93 1.17
C GLY D 41 4.69 21.83 0.51
N ASN D 42 4.69 21.62 -0.81
CA ASN D 42 3.48 21.30 -1.55
C ASN D 42 3.80 20.45 -2.76
N ASN D 43 2.76 19.76 -3.25
CA ASN D 43 2.82 18.89 -4.41
C ASN D 43 3.93 17.84 -4.25
N GLN D 44 3.77 17.00 -3.24
CA GLN D 44 4.77 16.00 -2.89
C GLN D 44 4.13 14.63 -2.84
N ASN D 45 4.80 13.65 -3.43
CA ASN D 45 4.38 12.26 -3.37
C ASN D 45 5.49 11.45 -2.72
N GLN D 46 5.14 10.72 -1.67
CA GLN D 46 6.09 9.91 -0.93
C GLN D 46 5.48 8.55 -0.64
N GLY D 47 6.11 7.50 -1.12
CA GLY D 47 5.60 6.16 -0.89
C GLY D 47 6.72 5.17 -0.76
N ASN D 48 6.51 4.20 0.13
CA ASN D 48 7.51 3.18 0.42
C ASN D 48 6.86 1.82 0.25
N MET D 49 7.24 1.10 -0.79
CA MET D 49 6.81 -0.27 -0.98
C MET D 49 7.91 -1.20 -0.52
N GLN D 50 7.58 -2.09 0.40
CA GLN D 50 8.59 -2.98 0.93
C GLN D 50 8.50 -4.33 0.23
N MET E 1 -4.51 8.00 -2.96
CA MET E 1 -4.31 9.18 -3.80
C MET E 1 -4.89 10.43 -3.18
N ASN E 2 -4.34 11.58 -3.56
CA ASN E 2 -4.73 12.88 -3.03
C ASN E 2 -4.96 13.83 -4.18
N PHE E 3 -6.09 14.53 -4.17
CA PHE E 3 -6.43 15.42 -5.26
C PHE E 3 -6.50 16.86 -4.78
N GLY E 4 -6.08 17.78 -5.65
CA GLY E 4 -6.22 19.18 -5.37
C GLY E 4 -7.58 19.75 -5.68
N ALA E 5 -8.08 19.57 -6.89
CA ALA E 5 -9.37 20.14 -7.28
C ALA E 5 -10.39 19.08 -7.68
N PHE E 6 -10.07 18.24 -8.67
CA PHE E 6 -11.00 17.37 -9.38
C PHE E 6 -12.21 18.16 -9.89
N SER E 7 -11.95 19.00 -10.87
CA SER E 7 -13.00 19.77 -11.52
C SER E 7 -13.28 19.15 -12.89
N ILE E 8 -14.55 18.78 -13.12
CA ILE E 8 -15.00 18.33 -14.43
C ILE E 8 -16.20 19.20 -14.80
N ASN E 9 -16.04 20.03 -15.82
CA ASN E 9 -17.00 21.09 -16.12
C ASN E 9 -17.21 21.19 -17.62
N PRO E 10 -18.32 20.68 -18.14
CA PRO E 10 -18.62 20.85 -19.56
C PRO E 10 -19.48 22.07 -19.87
N ALA E 11 -19.14 22.73 -20.96
CA ALA E 11 -19.93 23.82 -21.51
C ALA E 11 -20.67 23.30 -22.72
N MET E 12 -22.00 23.24 -22.63
CA MET E 12 -22.83 22.66 -23.67
C MET E 12 -23.85 23.71 -24.10
N MET E 13 -23.68 24.23 -25.31
CA MET E 13 -24.35 25.44 -25.74
C MET E 13 -24.65 25.33 -27.23
N ALA E 14 -25.92 25.45 -27.60
CA ALA E 14 -26.31 25.41 -29.01
C ALA E 14 -27.59 26.22 -29.18
N ALA E 15 -27.44 27.48 -29.60
CA ALA E 15 -28.59 28.37 -29.77
C ALA E 15 -28.57 29.02 -31.14
N ALA E 16 -29.02 28.28 -32.15
CA ALA E 16 -29.45 28.73 -33.47
C ALA E 16 -30.20 27.56 -34.09
N GLN E 17 -30.41 27.59 -35.41
CA GLN E 17 -30.97 26.42 -36.08
C GLN E 17 -29.87 25.35 -36.01
N ALA E 18 -29.79 24.72 -34.83
CA ALA E 18 -28.67 23.86 -34.48
C ALA E 18 -29.14 22.66 -33.69
N ALA E 19 -28.27 21.65 -33.62
CA ALA E 19 -28.56 20.42 -32.89
C ALA E 19 -27.28 19.95 -32.21
N LEU E 20 -27.30 19.86 -30.90
CA LEU E 20 -26.18 19.36 -30.11
C LEU E 20 -26.54 17.99 -29.55
N GLN E 21 -25.57 17.10 -29.51
CA GLN E 21 -25.86 15.73 -29.11
C GLN E 21 -24.65 15.14 -28.41
N SER E 22 -24.88 14.46 -27.29
CA SER E 22 -23.78 14.00 -26.45
C SER E 22 -24.18 12.76 -25.68
N SER E 23 -23.20 11.90 -25.42
CA SER E 23 -23.39 10.73 -24.57
C SER E 23 -22.11 10.41 -23.84
N TRP E 24 -22.24 9.92 -22.61
CA TRP E 24 -21.11 9.55 -21.78
C TRP E 24 -21.30 8.16 -21.21
N GLY E 25 -20.28 7.32 -21.34
CA GLY E 25 -20.24 6.14 -20.50
C GLY E 25 -19.48 6.46 -19.24
N MET E 26 -20.23 6.81 -18.18
CA MET E 26 -19.72 7.16 -16.86
C MET E 26 -18.74 8.34 -16.91
N MET E 27 -19.33 9.51 -17.16
CA MET E 27 -18.63 10.76 -16.86
C MET E 27 -18.46 10.90 -15.36
N GLY E 28 -17.22 10.86 -14.89
CA GLY E 28 -16.96 11.04 -13.47
C GLY E 28 -15.68 10.30 -13.07
N MET E 29 -15.75 9.60 -11.95
CA MET E 29 -14.61 8.83 -11.46
C MET E 29 -15.07 7.49 -10.92
N LEU E 30 -14.42 6.42 -11.36
CA LEU E 30 -14.65 5.08 -10.83
C LEU E 30 -13.41 4.69 -10.03
N ALA E 31 -13.58 4.52 -8.72
CA ALA E 31 -12.53 4.05 -7.83
C ALA E 31 -12.92 2.65 -7.39
N SER E 32 -12.46 1.66 -8.13
CA SER E 32 -12.79 0.26 -7.86
C SER E 32 -11.57 -0.49 -7.37
N GLN E 33 -11.80 -1.36 -6.39
CA GLN E 33 -10.73 -2.25 -5.94
C GLN E 33 -11.36 -3.55 -5.47
N GLN E 34 -10.67 -4.65 -5.78
CA GLN E 34 -11.28 -5.97 -5.74
C GLN E 34 -10.25 -7.01 -5.32
N ASN E 35 -10.61 -7.85 -4.38
CA ASN E 35 -9.83 -9.02 -4.01
C ASN E 35 -10.68 -10.26 -4.23
N GLN E 36 -10.11 -11.25 -4.91
CA GLN E 36 -10.76 -12.54 -4.99
C GLN E 36 -9.71 -13.63 -5.03
N SER E 37 -10.02 -14.75 -4.40
CA SER E 37 -9.10 -15.88 -4.32
C SER E 37 -9.67 -17.07 -5.07
N GLY E 38 -8.78 -17.86 -5.66
CA GLY E 38 -9.16 -19.05 -6.36
C GLY E 38 -9.49 -20.17 -5.39
N PRO E 39 -10.16 -21.21 -5.89
CA PRO E 39 -10.58 -22.30 -5.02
C PRO E 39 -9.41 -23.12 -4.51
N SER E 40 -9.63 -23.69 -3.31
CA SER E 40 -8.66 -24.55 -2.61
C SER E 40 -7.35 -23.84 -2.31
N GLY E 41 -7.39 -22.53 -2.08
CA GLY E 41 -6.21 -21.83 -1.65
C GLY E 41 -6.05 -21.79 -0.14
N ASN E 42 -4.82 -21.56 0.30
CA ASN E 42 -4.53 -21.31 1.70
C ASN E 42 -3.30 -20.42 1.86
N ASN E 43 -3.23 -19.79 3.03
CA ASN E 43 -2.14 -18.88 3.42
C ASN E 43 -1.95 -17.79 2.37
N GLN E 44 -2.99 -16.97 2.22
CA GLN E 44 -3.02 -15.91 1.22
C GLN E 44 -3.33 -14.58 1.88
N ASN E 45 -2.60 -13.55 1.50
CA ASN E 45 -2.84 -12.19 1.96
C ASN E 45 -3.11 -11.33 0.73
N GLN E 46 -4.24 -10.63 0.75
CA GLN E 46 -4.65 -9.78 -0.36
C GLN E 46 -5.18 -8.48 0.21
N GLY E 47 -4.56 -7.38 -0.18
CA GLY E 47 -4.99 -6.08 0.30
C GLY E 47 -4.78 -5.01 -0.75
N ASN E 48 -5.71 -4.08 -0.81
CA ASN E 48 -5.70 -3.00 -1.79
C ASN E 48 -5.80 -1.69 -1.04
N MET E 49 -4.72 -0.94 -1.01
CA MET E 49 -4.74 0.42 -0.48
C MET E 49 -4.83 1.40 -1.62
N GLN E 50 -5.84 2.26 -1.58
CA GLN E 50 -6.04 3.21 -2.65
C GLN E 50 -5.46 4.55 -2.26
N MET F 1 1.67 -8.11 4.96
CA MET F 1 2.58 -9.24 5.02
C MET F 1 1.87 -10.54 5.31
N ASN F 2 2.47 -11.65 4.88
CA ASN F 2 1.90 -12.97 5.02
C ASN F 2 2.95 -13.89 5.60
N PHE F 3 2.60 -14.66 6.63
CA PHE F 3 3.56 -15.53 7.30
C PHE F 3 3.15 -16.99 7.14
N GLY F 4 4.16 -17.84 7.01
CA GLY F 4 3.91 -19.27 7.00
C GLY F 4 3.78 -19.89 8.36
N ALA F 5 4.75 -19.70 9.25
CA ALA F 5 4.71 -20.30 10.57
C ALA F 5 4.69 -19.29 11.70
N PHE F 6 5.69 -18.40 11.76
CA PHE F 6 6.01 -17.55 12.91
C PHE F 6 6.12 -18.38 14.19
N SER F 7 7.17 -19.18 14.25
CA SER F 7 7.47 -19.97 15.43
C SER F 7 8.63 -19.32 16.17
N ILE F 8 8.40 -19.00 17.45
CA ILE F 8 9.46 -18.53 18.33
C ILE F 8 9.45 -19.44 19.56
N ASN F 9 10.51 -20.23 19.72
CA ASN F 9 10.53 -21.32 20.69
C ASN F 9 11.87 -21.38 21.39
N PRO F 10 11.97 -20.90 22.63
CA PRO F 10 13.22 -21.04 23.39
C PRO F 10 13.27 -22.30 24.25
N ALA F 11 14.45 -22.90 24.27
CA ALA F 11 14.75 -24.01 25.16
C ALA F 11 15.62 -23.47 26.29
N MET F 12 15.09 -23.48 27.51
CA MET F 12 15.76 -22.91 28.66
C MET F 12 15.87 -23.99 29.73
N MET F 13 17.10 -24.46 29.96
CA MET F 13 17.35 -25.69 30.70
C MET F 13 18.64 -25.54 31.48
N ALA F 14 18.57 -25.71 32.80
CA ALA F 14 19.76 -25.64 33.64
C ALA F 14 19.53 -26.52 34.87
N ALA F 15 20.04 -27.76 34.83
CA ALA F 15 19.86 -28.68 35.95
C ALA F 15 21.19 -29.28 36.36
N ALA F 16 21.95 -28.53 37.14
CA ALA F 16 23.07 -28.95 37.99
C ALA F 16 23.35 -27.80 38.94
N GLN F 17 24.51 -27.80 39.57
CA GLN F 17 24.90 -26.63 40.36
C GLN F 17 25.16 -25.52 39.35
N ALA F 18 24.05 -24.93 38.90
CA ALA F 18 24.05 -24.02 37.75
C ALA F 18 23.08 -22.88 37.96
N ALA F 19 23.26 -21.83 37.16
CA ALA F 19 22.42 -20.63 37.23
C ALA F 19 22.18 -20.13 35.82
N LEU F 20 20.93 -20.08 35.39
CA LEU F 20 20.55 -19.56 34.10
C LEU F 20 19.83 -18.24 34.29
N GLN F 21 20.06 -17.29 33.39
CA GLN F 21 19.52 -15.95 33.58
C GLN F 21 19.24 -15.32 32.23
N SER F 22 18.08 -14.71 32.09
CA SER F 22 17.63 -14.23 30.78
C SER F 22 16.71 -13.03 30.94
N SER F 23 16.76 -12.13 29.97
CA SER F 23 15.85 -11.00 29.91
C SER F 23 15.56 -10.64 28.46
N TRP F 24 14.34 -10.19 28.19
CA TRP F 24 13.92 -9.81 26.85
C TRP F 24 13.25 -8.44 26.89
N GLY F 25 13.66 -7.55 26.01
CA GLY F 25 12.84 -6.40 25.73
C GLY F 25 11.91 -6.74 24.58
N MET F 26 10.68 -7.14 24.91
CA MET F 26 9.62 -7.53 23.98
C MET F 26 10.07 -8.66 23.04
N MET F 27 10.16 -9.84 23.63
CA MET F 27 10.17 -11.06 22.83
C MET F 27 8.82 -11.24 22.16
N GLY F 28 8.79 -11.17 20.84
CA GLY F 28 7.55 -11.37 20.11
C GLY F 28 7.56 -10.60 18.80
N MET F 29 6.45 -9.94 18.51
CA MET F 29 6.34 -9.13 17.29
C MET F 29 5.61 -7.83 17.60
N LEU F 30 6.19 -6.71 17.17
CA LEU F 30 5.55 -5.42 17.25
C LEU F 30 5.19 -4.98 15.83
N ALA F 31 3.89 -4.88 15.56
CA ALA F 31 3.38 -4.38 14.29
C ALA F 31 2.77 -3.01 14.55
N SER F 32 3.57 -1.97 14.40
CA SER F 32 3.14 -0.62 14.68
C SER F 32 3.04 0.18 13.39
N GLN F 33 2.01 1.01 13.30
CA GLN F 33 1.90 1.92 12.18
C GLN F 33 1.18 3.19 12.65
N GLN F 34 1.65 4.32 12.15
CA GLN F 34 1.34 5.61 12.74
C GLN F 34 1.24 6.68 11.67
N ASN F 35 0.18 7.47 11.72
CA ASN F 35 0.04 8.67 10.91
C ASN F 35 -0.09 9.87 11.83
N GLN F 36 0.70 10.91 11.55
CA GLN F 36 0.48 12.17 12.24
C GLN F 36 0.82 13.32 11.30
N SER F 37 0.08 14.40 11.43
CA SER F 37 0.25 15.56 10.57
C SER F 37 0.70 16.75 11.39
N GLY F 38 1.52 17.59 10.78
CA GLY F 38 1.99 18.79 11.42
C GLY F 38 0.92 19.85 11.44
N PRO F 39 1.11 20.88 12.27
CA PRO F 39 0.09 21.92 12.42
C PRO F 39 -0.04 22.77 11.16
N SER F 40 -1.26 23.29 10.98
CA SER F 40 -1.63 24.17 9.88
C SER F 40 -1.45 23.52 8.51
N GLY F 41 -1.61 22.20 8.43
CA GLY F 41 -1.59 21.55 7.15
C GLY F 41 -2.95 21.47 6.49
N ASN F 42 -2.95 21.28 5.17
CA ASN F 42 -4.17 20.99 4.42
C ASN F 42 -3.85 20.16 3.19
N ASN F 43 -4.90 19.49 2.69
CA ASN F 43 -4.86 18.63 1.51
C ASN F 43 -3.75 17.58 1.65
N GLN F 44 -3.93 16.72 2.64
CA GLN F 44 -2.94 15.69 2.98
C GLN F 44 -3.60 14.33 3.01
N ASN F 45 -2.94 13.35 2.41
CA ASN F 45 -3.39 11.97 2.44
C ASN F 45 -2.29 11.13 3.07
N GLN F 46 -2.64 10.38 4.10
CA GLN F 46 -1.69 9.55 4.83
C GLN F 46 -2.34 8.21 5.10
N GLY F 47 -1.72 7.15 4.61
CA GLY F 47 -2.25 5.81 4.81
C GLY F 47 -1.14 4.80 4.92
N ASN F 48 -1.35 3.82 5.79
CA ASN F 48 -0.37 2.78 6.06
C ASN F 48 -1.04 1.44 5.87
N MET F 49 -0.67 0.74 4.82
CA MET F 49 -1.11 -0.63 4.60
C MET F 49 -0.02 -1.58 5.04
N GLN F 50 -0.35 -2.48 5.95
CA GLN F 50 0.63 -3.41 6.46
C GLN F 50 0.52 -4.73 5.74
N MET G 1 13.69 -7.50 -3.20
CA MET G 1 14.63 -8.61 -3.11
C MET G 1 13.94 -9.93 -2.78
N ASN G 2 14.56 -11.03 -3.18
CA ASN G 2 14.01 -12.36 -3.01
C ASN G 2 15.09 -13.25 -2.40
N PHE G 3 14.74 -13.98 -1.35
CA PHE G 3 15.72 -14.82 -0.67
C PHE G 3 15.35 -16.29 -0.77
N GLY G 4 16.37 -17.13 -0.87
CA GLY G 4 16.16 -18.55 -0.86
C GLY G 4 16.02 -19.15 0.53
N ALA G 5 16.99 -18.90 1.41
CA ALA G 5 16.96 -19.48 2.74
C ALA G 5 16.92 -18.44 3.85
N PHE G 6 17.90 -17.54 3.88
CA PHE G 6 18.20 -16.64 5.01
C PHE G 6 18.33 -17.43 6.31
N SER G 7 19.39 -18.21 6.39
CA SER G 7 19.70 -18.96 7.60
C SER G 7 20.85 -18.28 8.32
N ILE G 8 20.63 -17.93 9.58
CA ILE G 8 21.67 -17.40 10.46
C ILE G 8 21.67 -18.29 11.70
N ASN G 9 22.75 -19.05 11.89
CA ASN G 9 22.78 -20.12 12.89
C ASN G 9 24.13 -20.13 13.60
N PRO G 10 24.21 -19.61 14.82
CA PRO G 10 25.47 -19.71 15.57
C PRO G 10 25.54 -20.94 16.47
N ALA G 11 26.73 -21.52 16.52
CA ALA G 11 27.05 -22.60 17.44
C ALA G 11 27.91 -22.01 18.55
N MET G 12 27.38 -22.00 19.77
CA MET G 12 28.04 -21.38 20.90
C MET G 12 28.17 -22.43 22.00
N MET G 13 29.40 -22.87 22.25
CA MET G 13 29.67 -24.08 23.02
C MET G 13 30.96 -23.88 23.80
N ALA G 14 30.89 -24.01 25.11
CA ALA G 14 32.08 -23.90 25.96
C ALA G 14 31.88 -24.74 27.21
N ALA G 15 32.40 -25.97 27.21
CA ALA G 15 32.23 -26.87 28.35
C ALA G 15 33.58 -27.45 28.78
N ALA G 16 34.32 -26.65 29.54
CA ALA G 16 35.44 -27.03 30.39
C ALA G 16 35.70 -25.84 31.32
N GLN G 17 36.87 -25.81 31.95
CA GLN G 17 37.24 -24.61 32.71
C GLN G 17 37.46 -23.51 31.66
N ALA G 18 36.34 -22.95 31.20
CA ALA G 18 36.33 -22.10 30.03
C ALA G 18 35.34 -20.96 30.21
N ALA G 19 35.50 -19.93 29.37
CA ALA G 19 34.63 -18.75 29.41
C ALA G 19 34.40 -18.29 27.98
N LEU G 20 33.14 -18.28 27.56
CA LEU G 20 32.75 -17.79 26.25
C LEU G 20 32.01 -16.48 26.41
N GLN G 21 32.23 -15.56 25.49
CA GLN G 21 31.66 -14.23 25.64
C GLN G 21 31.37 -13.64 24.27
N SER G 22 30.20 -13.05 24.11
CA SER G 22 29.74 -12.61 22.79
C SER G 22 28.79 -11.42 22.92
N SER G 23 28.83 -10.55 21.92
CA SER G 23 27.89 -9.45 21.83
C SER G 23 27.60 -9.14 20.37
N TRP G 24 26.37 -8.72 20.10
CA TRP G 24 25.94 -8.37 18.74
C TRP G 24 25.25 -7.02 18.75
N GLY G 25 25.65 -6.15 17.84
CA GLY G 25 24.80 -5.02 17.52
C GLY G 25 23.89 -5.40 16.38
N MET G 26 22.67 -5.83 16.73
CA MET G 26 21.62 -6.26 15.80
C MET G 26 22.08 -7.40 14.89
N MET G 27 22.19 -8.56 15.52
CA MET G 27 22.23 -9.81 14.76
C MET G 27 20.88 -10.03 14.08
N GLY G 28 20.85 -9.99 12.76
CA GLY G 28 19.61 -10.24 12.04
C GLY G 28 19.62 -9.50 10.71
N MET G 29 18.49 -8.86 10.40
CA MET G 29 18.37 -8.11 9.16
C MET G 29 17.61 -6.81 9.43
N LEU G 30 18.17 -5.70 8.98
CA LEU G 30 17.50 -4.41 9.02
C LEU G 30 17.14 -4.02 7.59
N ALA G 31 15.84 -3.93 7.31
CA ALA G 31 15.32 -3.50 6.03
C ALA G 31 14.69 -2.14 6.25
N SER G 32 15.46 -1.08 6.07
CA SER G 32 15.00 0.27 6.31
C SER G 32 14.90 1.04 5.00
N GLN G 33 13.85 1.84 4.89
CA GLN G 33 13.72 2.73 3.74
C GLN G 33 12.99 3.98 4.18
N GLN G 34 13.43 5.12 3.64
CA GLN G 34 13.09 6.41 4.20
C GLN G 34 12.98 7.45 3.11
N ASN G 35 11.90 8.22 3.14
CA ASN G 35 11.74 9.39 2.29
C ASN G 35 11.59 10.62 3.17
N GLN G 36 12.35 11.66 2.87
CA GLN G 36 12.11 12.93 3.53
C GLN G 36 12.43 14.06 2.56
N SER G 37 11.66 15.13 2.65
CA SER G 37 11.81 16.27 1.77
C SER G 37 12.24 17.50 2.56
N GLY G 38 13.04 18.34 1.91
CA GLY G 38 13.49 19.56 2.52
C GLY G 38 12.39 20.61 2.51
N PRO G 39 12.57 21.66 3.32
CA PRO G 39 11.53 22.69 3.43
C PRO G 39 11.39 23.50 2.17
N SER G 40 10.16 23.99 1.96
CA SER G 40 9.76 24.83 0.83
C SER G 40 9.97 24.15 -0.51
N GLY G 41 9.82 22.82 -0.56
CA GLY G 41 9.86 22.13 -1.82
C GLY G 41 8.51 22.00 -2.48
N ASN G 42 8.51 21.79 -3.79
CA ASN G 42 7.30 21.45 -4.53
C ASN G 42 7.63 20.59 -5.74
N ASN G 43 6.60 19.89 -6.22
CA ASN G 43 6.66 19.00 -7.37
C ASN G 43 7.79 17.98 -7.21
N GLN G 44 7.63 17.14 -6.19
CA GLN G 44 8.63 16.15 -5.83
C GLN G 44 8.00 14.77 -5.76
N ASN G 45 8.68 13.79 -6.35
CA ASN G 45 8.26 12.40 -6.27
C ASN G 45 9.38 11.60 -5.61
N GLN G 46 9.03 10.87 -4.56
CA GLN G 46 9.99 10.08 -3.81
C GLN G 46 9.37 8.73 -3.51
N GLY G 47 10.03 7.68 -3.97
CA GLY G 47 9.51 6.33 -3.74
C GLY G 47 10.64 5.34 -3.59
N ASN G 48 10.45 4.38 -2.69
CA ASN G 48 11.45 3.37 -2.40
C ASN G 48 10.80 2.01 -2.55
N MET G 49 11.19 1.29 -3.58
CA MET G 49 10.78 -0.08 -3.77
C MET G 49 11.88 -1.01 -3.30
N GLN G 50 11.56 -1.89 -2.37
CA GLN G 50 12.57 -2.78 -1.83
C GLN G 50 12.48 -4.13 -2.52
N MET H 1 7.22 8.27 -11.55
CA MET H 1 7.39 9.42 -12.43
C MET H 1 6.78 10.68 -11.85
N ASN H 2 7.32 11.83 -12.26
CA ASN H 2 6.91 13.13 -11.75
C ASN H 2 6.65 14.05 -12.94
N PHE H 3 5.50 14.72 -12.95
CA PHE H 3 5.15 15.59 -14.07
C PHE H 3 5.05 17.03 -13.62
N GLY H 4 5.45 17.93 -14.52
CA GLY H 4 5.31 19.34 -14.28
C GLY H 4 3.92 19.87 -14.60
N ALA H 5 3.43 19.65 -15.81
CA ALA H 5 2.13 20.18 -16.21
C ALA H 5 1.12 19.10 -16.59
N PHE H 6 1.47 18.24 -17.55
CA PHE H 6 0.55 17.32 -18.24
C PHE H 6 -0.67 18.08 -18.77
N SER H 7 -0.43 18.90 -19.77
CA SER H 7 -1.49 19.62 -20.45
C SER H 7 -1.76 18.97 -21.80
N ILE H 8 -3.00 18.56 -22.02
CA ILE H 8 -3.46 18.07 -23.32
C ILE H 8 -4.67 18.90 -23.70
N ASN H 9 -4.52 19.71 -24.75
CA ASN H 9 -5.50 20.74 -25.08
C ASN H 9 -5.72 20.80 -26.59
N PRO H 10 -6.82 20.25 -27.10
CA PRO H 10 -7.11 20.38 -28.52
C PRO H 10 -8.00 21.57 -28.85
N ALA H 11 -7.67 22.21 -29.98
CA ALA H 11 -8.48 23.27 -30.55
C ALA H 11 -9.21 22.69 -31.75
N MET H 12 -10.54 22.61 -31.65
CA MET H 12 -11.36 21.98 -32.69
C MET H 12 -12.39 23.00 -33.13
N MET H 13 -12.23 23.50 -34.36
CA MET H 13 -12.93 24.69 -34.83
C MET H 13 -13.22 24.52 -36.31
N ALA H 14 -14.50 24.61 -36.69
CA ALA H 14 -14.88 24.52 -38.10
C ALA H 14 -16.17 25.31 -38.30
N ALA H 15 -16.06 26.57 -38.75
CA ALA H 15 -17.22 27.42 -38.94
C ALA H 15 -17.21 28.04 -40.33
N ALA H 16 -17.64 27.25 -41.31
CA ALA H 16 -18.09 27.66 -42.65
C ALA H 16 -18.82 26.45 -43.24
N GLN H 17 -19.02 26.45 -44.55
CA GLN H 17 -19.55 25.25 -45.19
C GLN H 17 -18.44 24.20 -45.09
N ALA H 18 -18.35 23.61 -43.90
CA ALA H 18 -17.21 22.79 -43.53
C ALA H 18 -17.65 21.60 -42.69
N ALA H 19 -16.77 20.61 -42.60
CA ALA H 19 -17.03 19.39 -41.84
C ALA H 19 -15.74 18.97 -41.16
N LEU H 20 -15.76 18.91 -39.82
CA LEU H 20 -14.64 18.45 -39.03
C LEU H 20 -14.97 17.10 -38.43
N GLN H 21 -13.98 16.22 -38.36
CA GLN H 21 -14.25 14.86 -37.93
C GLN H 21 -13.03 14.31 -37.21
N SER H 22 -13.24 13.66 -36.07
CA SER H 22 -12.13 13.24 -35.22
C SER H 22 -12.51 12.01 -34.41
N SER H 23 -11.52 11.17 -34.14
CA SER H 23 -11.69 10.04 -33.26
C SER H 23 -10.40 9.76 -32.51
N TRP H 24 -10.53 9.29 -31.27
CA TRP H 24 -9.38 8.97 -30.43
C TRP H 24 -9.55 7.60 -29.82
N GLY H 25 -8.52 6.77 -29.92
CA GLY H 25 -8.45 5.62 -29.06
C GLY H 25 -7.70 5.99 -27.80
N MET H 26 -8.46 6.35 -26.75
CA MET H 26 -7.95 6.75 -25.44
C MET H 26 -7.01 7.95 -25.53
N MET H 27 -7.61 9.09 -25.81
CA MET H 27 -6.94 10.36 -25.55
C MET H 27 -6.77 10.54 -24.04
N GLY H 28 -5.54 10.56 -23.58
CA GLY H 28 -5.28 10.77 -22.16
C GLY H 28 -3.99 10.07 -21.73
N MET H 29 -4.04 9.39 -20.60
CA MET H 29 -2.88 8.66 -20.09
C MET H 29 -3.32 7.33 -19.51
N LEU H 30 -2.66 6.26 -19.92
CA LEU H 30 -2.85 4.93 -19.35
C LEU H 30 -1.61 4.58 -18.55
N ALA H 31 -1.78 4.45 -17.23
CA ALA H 31 -0.72 4.02 -16.33
C ALA H 31 -1.08 2.63 -15.85
N SER H 32 -0.60 1.63 -16.56
CA SER H 32 -0.91 0.23 -16.25
C SER H 32 0.32 -0.48 -15.74
N GLN H 33 0.11 -1.34 -14.74
CA GLN H 33 1.19 -2.18 -14.26
C GLN H 33 0.60 -3.49 -13.77
N GLN H 34 1.31 -4.58 -14.04
CA GLN H 34 0.73 -5.90 -13.95
C GLN H 34 1.77 -6.91 -13.52
N ASN H 35 1.42 -7.74 -12.55
CA ASN H 35 2.23 -8.88 -12.14
C ASN H 35 1.41 -10.14 -12.34
N GLN H 36 1.99 -11.14 -12.99
CA GLN H 36 1.37 -12.45 -13.03
C GLN H 36 2.44 -13.52 -13.04
N SER H 37 2.15 -14.63 -12.38
CA SER H 37 3.09 -15.73 -12.27
C SER H 37 2.54 -16.95 -12.98
N GLY H 38 3.45 -17.73 -13.55
CA GLY H 38 3.09 -18.96 -14.21
C GLY H 38 2.78 -20.05 -13.22
N PRO H 39 2.13 -21.12 -13.69
CA PRO H 39 1.73 -22.20 -12.79
C PRO H 39 2.92 -22.97 -12.25
N SER H 40 2.73 -23.51 -11.04
CA SER H 40 3.69 -24.34 -10.33
C SER H 40 5.00 -23.60 -10.04
N GLY H 41 4.92 -22.28 -9.85
CA GLY H 41 6.09 -21.54 -9.44
C GLY H 41 6.26 -21.46 -7.93
N ASN H 42 7.49 -21.20 -7.49
CA ASN H 42 7.75 -20.90 -6.09
C ASN H 42 8.97 -19.99 -5.96
N ASN H 43 9.03 -19.32 -4.80
CA ASN H 43 10.10 -18.39 -4.44
C ASN H 43 10.26 -17.32 -5.53
N GLN H 44 9.21 -16.52 -5.69
CA GLN H 44 9.16 -15.50 -6.72
C GLN H 44 8.82 -14.15 -6.10
N ASN H 45 9.55 -13.12 -6.51
CA ASN H 45 9.27 -11.76 -6.09
C ASN H 45 8.98 -10.93 -7.34
N GLN H 46 7.84 -10.26 -7.34
CA GLN H 46 7.42 -9.45 -8.47
C GLN H 46 6.86 -8.13 -7.94
N GLY H 47 7.47 -7.03 -8.36
CA GLY H 47 7.00 -5.74 -7.92
C GLY H 47 7.20 -4.69 -8.99
N ASN H 48 6.25 -3.77 -9.08
CA ASN H 48 6.24 -2.72 -10.08
C ASN H 48 6.11 -1.39 -9.38
N MET H 49 7.17 -0.61 -9.37
CA MET H 49 7.14 0.74 -8.87
C MET H 49 7.03 1.70 -10.04
N GLN H 50 6.00 2.54 -10.02
CA GLN H 50 5.79 3.46 -11.12
C GLN H 50 6.34 4.81 -10.76
N MET I 1 -2.34 -8.31 7.69
CA MET I 1 -1.43 -9.44 7.72
C MET I 1 -2.16 -10.75 8.01
N ASN I 2 -1.56 -11.85 7.57
CA ASN I 2 -2.15 -13.18 7.70
C ASN I 2 -1.09 -14.11 8.26
N PHE I 3 -1.45 -14.88 9.29
CA PHE I 3 -0.50 -15.76 9.93
C PHE I 3 -0.91 -17.22 9.78
N GLY I 4 0.08 -18.08 9.64
CA GLY I 4 -0.17 -19.50 9.60
C GLY I 4 -0.31 -20.14 10.97
N ALA I 5 0.67 -19.96 11.86
CA ALA I 5 0.62 -20.58 13.18
C ALA I 5 0.61 -19.57 14.32
N PHE I 6 1.61 -18.70 14.38
CA PHE I 6 1.94 -17.85 15.54
C PHE I 6 2.04 -18.70 16.82
N SER I 7 3.09 -19.50 16.86
CA SER I 7 3.38 -20.31 18.04
C SER I 7 4.55 -19.68 18.79
N ILE I 8 4.33 -19.37 20.06
CA ILE I 8 5.39 -18.91 20.96
C ILE I 8 5.37 -19.83 22.17
N ASN I 9 6.42 -20.62 22.32
CA ASN I 9 6.43 -21.73 23.28
C ASN I 9 7.78 -21.80 23.98
N PRO I 10 7.88 -21.33 25.23
CA PRO I 10 9.13 -21.49 25.97
C PRO I 10 9.18 -22.74 26.82
N ALA I 11 10.35 -23.36 26.85
CA ALA I 11 10.64 -24.49 27.73
C ALA I 11 11.52 -23.96 28.86
N MET I 12 10.98 -23.98 30.08
CA MET I 12 11.67 -23.42 31.24
C MET I 12 11.76 -24.51 32.29
N MET I 13 12.99 -24.99 32.52
CA MET I 13 13.23 -26.23 33.24
C MET I 13 14.53 -26.09 34.03
N ALA I 14 14.46 -26.28 35.34
CA ALA I 14 15.64 -26.22 36.19
C ALA I 14 15.42 -27.11 37.40
N ALA I 15 15.91 -28.35 37.36
CA ALA I 15 15.72 -29.29 38.46
C ALA I 15 17.05 -29.90 38.87
N ALA I 16 17.82 -29.16 39.66
CA ALA I 16 18.93 -29.60 40.50
C ALA I 16 19.22 -28.45 41.46
N GLN I 17 20.38 -28.47 42.10
CA GLN I 17 20.79 -27.31 42.89
C GLN I 17 21.04 -26.19 41.90
N ALA I 18 19.94 -25.58 41.44
CA ALA I 18 19.95 -24.68 40.31
C ALA I 18 18.98 -23.52 40.54
N ALA I 19 19.16 -22.47 39.74
CA ALA I 19 18.33 -21.27 39.82
C ALA I 19 18.11 -20.75 38.40
N LEU I 20 16.85 -20.69 38.00
CA LEU I 20 16.48 -20.15 36.70
C LEU I 20 15.76 -18.82 36.91
N GLN I 21 16.00 -17.88 36.01
CA GLN I 21 15.47 -16.54 36.22
C GLN I 21 15.20 -15.89 34.88
N SER I 22 14.04 -15.26 34.74
CA SER I 22 13.59 -14.77 33.44
C SER I 22 12.68 -13.57 33.61
N SER I 23 12.73 -12.66 32.64
CA SER I 23 11.82 -11.53 32.59
C SER I 23 11.54 -11.15 31.14
N TRP I 24 10.32 -10.70 30.89
CA TRP I 24 9.90 -10.29 29.55
C TRP I 24 9.24 -8.93 29.61
N GLY I 25 9.66 -8.03 28.72
CA GLY I 25 8.85 -6.87 28.45
C GLY I 25 7.92 -7.18 27.30
N MET I 26 6.70 -7.59 27.63
CA MET I 26 5.63 -7.96 26.69
C MET I 26 6.06 -9.09 25.75
N MET I 27 6.14 -10.27 26.33
CA MET I 27 6.15 -11.48 25.52
C MET I 27 4.80 -11.65 24.84
N GLY I 28 4.76 -11.56 23.53
CA GLY I 28 3.53 -11.75 22.79
C GLY I 28 3.55 -10.96 21.49
N MET I 29 2.43 -10.29 21.20
CA MET I 29 2.32 -9.48 20.00
C MET I 29 1.60 -8.18 20.31
N LEU I 30 2.19 -7.06 19.91
CA LEU I 30 1.55 -5.76 19.99
C LEU I 30 1.21 -5.31 18.58
N ALA I 31 -0.09 -5.19 18.31
CA ALA I 31 -0.60 -4.68 17.04
C ALA I 31 -1.20 -3.32 17.32
N SER I 32 -0.39 -2.28 17.17
CA SER I 32 -0.82 -0.92 17.46
C SER I 32 -0.91 -0.11 16.18
N GLN I 33 -1.93 0.73 16.10
CA GLN I 33 -2.05 1.65 14.99
C GLN I 33 -2.74 2.92 15.48
N GLN I 34 -2.28 4.05 14.98
CA GLN I 34 -2.58 5.34 15.59
C GLN I 34 -2.66 6.41 14.52
N ASN I 35 -3.72 7.22 14.59
CA ASN I 35 -3.86 8.42 13.78
C ASN I 35 -3.97 9.61 14.71
N GLN I 36 -3.18 10.65 14.44
CA GLN I 36 -3.39 11.91 15.14
C GLN I 36 -3.04 13.05 14.21
N SER I 37 -3.79 14.15 14.35
CA SER I 37 -3.61 15.31 13.51
C SER I 37 -3.15 16.50 14.34
N GLY I 38 -2.32 17.34 13.73
CA GLY I 38 -1.85 18.53 14.38
C GLY I 38 -2.92 19.60 14.41
N PRO I 39 -2.71 20.62 15.25
CA PRO I 39 -3.72 21.66 15.41
C PRO I 39 -3.85 22.53 14.17
N SER I 40 -5.06 23.05 13.98
CA SER I 40 -5.44 23.95 12.89
C SER I 40 -5.25 23.31 11.52
N GLY I 41 -5.42 21.99 11.43
CA GLY I 41 -5.40 21.34 10.14
C GLY I 41 -6.76 21.27 9.48
N ASN I 42 -6.76 21.11 8.16
CA ASN I 42 -7.99 20.83 7.41
C ASN I 42 -7.68 20.01 6.17
N ASN I 43 -8.73 19.35 5.67
CA ASN I 43 -8.70 18.50 4.48
C ASN I 43 -7.60 17.44 4.61
N GLN I 44 -7.78 16.57 5.59
CA GLN I 44 -6.80 15.55 5.92
C GLN I 44 -7.46 14.19 5.93
N ASN I 45 -6.81 13.20 5.32
CA ASN I 45 -7.27 11.83 5.35
C ASN I 45 -6.17 10.97 5.97
N GLN I 46 -6.53 10.22 6.99
CA GLN I 46 -5.59 9.37 7.71
C GLN I 46 -6.23 8.02 7.96
N GLY I 47 -5.62 6.98 7.46
CA GLY I 47 -6.17 5.64 7.65
C GLY I 47 -5.06 4.61 7.76
N ASN I 48 -5.28 3.63 8.62
CA ASN I 48 -4.30 2.58 8.88
C ASN I 48 -4.99 1.25 8.67
N MET I 49 -4.61 0.55 7.62
CA MET I 49 -5.07 -0.80 7.39
C MET I 49 -3.98 -1.77 7.82
N GLN I 50 -4.33 -2.69 8.72
CA GLN I 50 -3.34 -3.61 9.22
C GLN I 50 -3.46 -4.93 8.49
N MET J 1 -8.42 7.91 -0.09
CA MET J 1 -8.21 9.09 -0.92
C MET J 1 -8.79 10.34 -0.29
N ASN J 2 -8.22 11.49 -0.66
CA ASN J 2 -8.60 12.78 -0.11
C ASN J 2 -8.83 13.75 -1.26
N PHE J 3 -9.96 14.46 -1.25
CA PHE J 3 -10.29 15.37 -2.34
C PHE J 3 -10.35 16.81 -1.84
N GLY J 4 -9.94 17.72 -2.70
CA GLY J 4 -10.05 19.12 -2.41
C GLY J 4 -11.42 19.70 -2.70
N ALA J 5 -11.91 19.53 -3.93
CA ALA J 5 -13.20 20.11 -4.30
C ALA J 5 -14.24 19.08 -4.71
N PHE J 6 -13.91 18.25 -5.70
CA PHE J 6 -14.85 17.37 -6.43
C PHE J 6 -16.06 18.18 -6.93
N SER J 7 -15.79 19.04 -7.90
CA SER J 7 -16.85 19.81 -8.55
C SER J 7 -17.13 19.21 -9.91
N ILE J 8 -18.38 18.84 -10.15
CA ILE J 8 -18.85 18.40 -11.46
C ILE J 8 -20.04 19.29 -11.82
N ASN J 9 -19.87 20.13 -12.83
CA ASN J 9 -20.83 21.19 -13.13
C ASN J 9 -21.04 21.31 -14.64
N PRO J 10 -22.16 20.81 -15.15
CA PRO J 10 -22.45 21.00 -16.58
C PRO J 10 -23.30 22.23 -16.87
N ALA J 11 -22.96 22.90 -17.97
CA ALA J 11 -23.75 24.00 -18.50
C ALA J 11 -24.49 23.47 -19.71
N MET J 12 -25.82 23.43 -19.62
CA MET J 12 -26.65 22.87 -20.67
C MET J 12 -27.67 23.92 -21.08
N MET J 13 -27.50 24.45 -22.29
CA MET J 13 -28.15 25.68 -22.72
C MET J 13 -28.45 25.57 -24.21
N ALA J 14 -29.72 25.71 -24.58
CA ALA J 14 -30.12 25.68 -25.98
C ALA J 14 -31.38 26.52 -26.15
N ALA J 15 -31.24 27.78 -26.56
CA ALA J 15 -32.39 28.67 -26.71
C ALA J 15 -32.36 29.33 -28.08
N ALA J 16 -32.81 28.60 -29.09
CA ALA J 16 -33.24 29.07 -30.41
C ALA J 16 -34.00 27.90 -31.05
N GLN J 17 -34.21 27.96 -32.35
CA GLN J 17 -34.76 26.79 -33.04
C GLN J 17 -33.68 25.72 -32.98
N ALA J 18 -33.60 25.07 -31.82
CA ALA J 18 -32.48 24.21 -31.47
C ALA J 18 -32.97 23.00 -30.67
N ALA J 19 -32.10 21.98 -30.62
CA ALA J 19 -32.40 20.75 -29.90
C ALA J 19 -31.12 20.27 -29.24
N LEU J 20 -31.15 20.16 -27.91
CA LEU J 20 -30.03 19.65 -27.14
C LEU J 20 -30.40 18.29 -26.59
N GLN J 21 -29.43 17.38 -26.55
CA GLN J 21 -29.73 16.01 -26.16
C GLN J 21 -28.53 15.41 -25.47
N SER J 22 -28.76 14.72 -24.36
CA SER J 22 -27.66 14.24 -23.52
C SER J 22 -28.07 13.00 -22.76
N SER J 23 -27.09 12.12 -22.51
CA SER J 23 -27.29 10.95 -21.68
C SER J 23 -26.00 10.61 -20.94
N TRP J 24 -26.15 10.11 -19.72
CA TRP J 24 -25.01 9.73 -18.89
C TRP J 24 -25.22 8.33 -18.34
N GLY J 25 -24.20 7.49 -18.47
CA GLY J 25 -24.16 6.31 -17.65
C GLY J 25 -23.41 6.62 -16.38
N MET J 26 -24.14 6.95 -15.32
CA MET J 26 -23.63 7.29 -13.99
C MET J 26 -22.66 8.47 -14.04
N MET J 27 -23.23 9.64 -14.27
CA MET J 27 -22.52 10.87 -13.97
C MET J 27 -22.34 11.00 -12.46
N GLY J 28 -21.12 10.97 -11.99
CA GLY J 28 -20.85 11.12 -10.58
C GLY J 28 -19.58 10.38 -10.18
N MET J 29 -19.65 9.66 -9.06
CA MET J 29 -18.51 8.88 -8.58
C MET J 29 -18.98 7.53 -8.05
N LEU J 30 -18.35 6.47 -8.51
CA LEU J 30 -18.58 5.13 -7.98
C LEU J 30 -17.35 4.71 -7.20
N ALA J 31 -17.52 4.54 -5.89
CA ALA J 31 -16.47 4.06 -5.00
C ALA J 31 -16.86 2.65 -4.57
N SER J 32 -16.40 1.66 -5.32
CA SER J 32 -16.75 0.28 -5.06
C SER J 32 -15.54 -0.49 -4.57
N GLN J 33 -15.76 -1.38 -3.62
CA GLN J 33 -14.71 -2.27 -3.17
C GLN J 33 -15.34 -3.58 -2.71
N GLN J 34 -14.66 -4.67 -3.03
CA GLN J 34 -15.27 -5.99 -2.99
C GLN J 34 -14.25 -7.04 -2.59
N ASN J 35 -14.62 -7.89 -1.64
CA ASN J 35 -13.85 -9.07 -1.29
C ASN J 35 -14.70 -10.30 -1.53
N GLN J 36 -14.13 -11.28 -2.22
CA GLN J 36 -14.80 -12.57 -2.31
C GLN J 36 -13.75 -13.67 -2.36
N SER J 37 -14.08 -14.80 -1.74
CA SER J 37 -13.17 -15.92 -1.67
C SER J 37 -13.74 -17.12 -2.42
N GLY J 38 -12.85 -17.89 -3.02
CA GLY J 38 -13.25 -19.08 -3.73
C GLY J 38 -13.58 -20.20 -2.77
N PRO J 39 -14.25 -21.24 -3.28
CA PRO J 39 -14.69 -22.33 -2.41
C PRO J 39 -13.52 -23.16 -1.92
N SER J 40 -13.73 -23.74 -0.73
CA SER J 40 -12.77 -24.61 -0.03
C SER J 40 -11.46 -23.92 0.28
N GLY J 41 -11.49 -22.61 0.51
CA GLY J 41 -10.30 -21.92 0.94
C GLY J 41 -10.14 -21.89 2.46
N ASN J 42 -8.90 -21.68 2.90
CA ASN J 42 -8.63 -21.44 4.31
C ASN J 42 -7.39 -20.56 4.47
N ASN J 43 -7.31 -19.94 5.65
CA ASN J 43 -6.22 -19.04 6.04
C ASN J 43 -6.02 -17.94 5.01
N GLN J 44 -7.06 -17.12 4.87
CA GLN J 44 -7.08 -16.06 3.88
C GLN J 44 -7.39 -14.73 4.54
N ASN J 45 -6.63 -13.69 4.18
CA ASN J 45 -6.88 -12.34 4.64
C ASN J 45 -7.14 -11.46 3.43
N GLN J 46 -8.27 -10.76 3.45
CA GLN J 46 -8.67 -9.90 2.35
C GLN J 46 -9.19 -8.59 2.92
N GLY J 47 -8.56 -7.50 2.55
CA GLY J 47 -8.99 -6.19 3.04
C GLY J 47 -8.76 -5.12 2.00
N ASN J 48 -9.70 -4.18 1.95
CA ASN J 48 -9.67 -3.09 0.97
C ASN J 48 -9.77 -1.79 1.74
N MET J 49 -8.69 -1.04 1.76
CA MET J 49 -8.69 0.30 2.31
C MET J 49 -8.78 1.31 1.19
N GLN J 50 -9.79 2.16 1.24
CA GLN J 50 -9.97 3.12 0.17
C GLN J 50 -9.38 4.46 0.57
N GLY K 1 9.44 2.59 19.97
CA GLY K 1 9.90 3.28 21.14
C GLY K 1 11.23 2.76 21.65
N MET K 2 11.53 3.01 22.91
CA MET K 2 12.79 2.57 23.51
C MET K 2 12.58 1.26 24.25
N LEU K 3 13.46 0.30 23.99
CA LEU K 3 13.35 -1.03 24.54
C LEU K 3 14.67 -1.43 25.16
N ALA K 4 14.64 -1.90 26.41
CA ALA K 4 15.87 -2.14 27.15
C ALA K 4 15.68 -3.31 28.10
N SER K 5 16.82 -3.94 28.44
CA SER K 5 16.82 -5.08 29.36
C SER K 5 18.11 -5.00 30.19
N GLN K 6 17.96 -4.63 31.46
CA GLN K 6 19.10 -4.53 32.37
C GLN K 6 19.13 -5.75 33.28
N GLN K 7 20.28 -6.43 33.31
CA GLN K 7 20.43 -7.71 33.99
C GLN K 7 21.82 -7.84 34.60
N ASN K 8 21.85 -8.27 35.86
CA ASN K 8 23.08 -8.34 36.63
C ASN K 8 23.13 -9.67 37.37
N GLN K 9 24.34 -10.10 37.72
CA GLN K 9 24.50 -11.35 38.44
C GLN K 9 25.71 -11.24 39.35
N SER K 10 25.61 -11.82 40.54
CA SER K 10 26.73 -11.87 41.46
C SER K 10 26.74 -13.16 42.26
N GLY L 1 -15.51 -2.81 -15.68
CA GLY L 1 -16.43 -3.53 -16.53
C GLY L 1 -16.49 -2.96 -17.93
N MET L 2 -17.56 -3.23 -18.65
CA MET L 2 -17.72 -2.76 -20.02
C MET L 2 -18.55 -1.49 -20.02
N LEU L 3 -18.07 -0.48 -20.74
CA LEU L 3 -18.69 0.84 -20.77
C LEU L 3 -18.85 1.28 -22.21
N ALA L 4 -20.06 1.70 -22.58
CA ALA L 4 -20.36 1.97 -23.98
C ALA L 4 -21.36 3.10 -24.09
N SER L 5 -21.34 3.78 -25.25
CA SER L 5 -22.26 4.87 -25.52
C SER L 5 -22.61 4.82 -27.02
N GLN L 6 -23.83 4.41 -27.32
CA GLN L 6 -24.30 4.34 -28.70
C GLN L 6 -25.21 5.52 -28.99
N GLN L 7 -24.89 6.25 -30.06
CA GLN L 7 -25.54 7.51 -30.38
C GLN L 7 -25.65 7.69 -31.88
N ASN L 8 -26.85 8.07 -32.33
CA ASN L 8 -27.17 8.20 -33.74
C ASN L 8 -27.92 9.48 -33.99
N GLN L 9 -27.87 9.96 -35.23
CA GLN L 9 -28.54 11.20 -35.59
C GLN L 9 -29.00 11.11 -37.03
N SER L 10 -30.17 11.64 -37.32
CA SER L 10 -30.66 11.72 -38.69
C SER L 10 -31.49 12.97 -38.91
N GLY M 1 -11.53 -2.90 -18.45
CA GLY M 1 -12.45 -3.63 -19.31
C GLY M 1 -12.50 -3.08 -20.71
N MET M 2 -13.58 -3.37 -21.42
CA MET M 2 -13.75 -2.90 -22.79
C MET M 2 -14.58 -1.64 -22.81
N LEU M 3 -14.10 -0.63 -23.54
CA LEU M 3 -14.73 0.68 -23.57
C LEU M 3 -14.89 1.10 -25.02
N ALA M 4 -16.10 1.52 -25.39
CA ALA M 4 -16.40 1.77 -26.80
C ALA M 4 -17.42 2.89 -26.92
N SER M 5 -17.40 3.55 -28.08
CA SER M 5 -18.32 4.65 -28.37
C SER M 5 -18.67 4.59 -29.86
N GLN M 6 -19.89 4.15 -30.16
CA GLN M 6 -20.37 4.07 -31.53
C GLN M 6 -21.28 5.25 -31.84
N GLN M 7 -20.96 5.97 -32.92
CA GLN M 7 -21.62 7.22 -33.25
C GLN M 7 -21.73 7.39 -34.75
N ASN M 8 -22.93 7.76 -35.20
CA ASN M 8 -23.25 7.87 -36.62
C ASN M 8 -24.00 9.16 -36.87
N GLN M 9 -23.96 9.62 -38.12
CA GLN M 9 -24.65 10.85 -38.48
C GLN M 9 -25.09 10.74 -39.94
N SER M 10 -26.28 11.27 -40.22
CA SER M 10 -26.77 11.32 -41.59
C SER M 10 -27.60 12.57 -41.82
N GLY N 1 13.37 2.98 17.15
CA GLY N 1 13.83 3.69 18.32
C GLY N 1 15.16 3.18 18.83
N MET N 2 15.46 3.44 20.09
CA MET N 2 16.72 3.02 20.70
C MET N 2 16.52 1.72 21.44
N LEU N 3 17.41 0.76 21.20
CA LEU N 3 17.30 -0.58 21.76
C LEU N 3 18.63 -0.96 22.39
N ALA N 4 18.60 -1.41 23.63
CA ALA N 4 19.83 -1.64 24.38
C ALA N 4 19.66 -2.81 25.35
N SER N 5 20.79 -3.43 25.69
CA SER N 5 20.81 -4.55 26.62
C SER N 5 22.10 -4.46 27.44
N GLN N 6 21.94 -4.08 28.71
CA GLN N 6 23.08 -3.96 29.62
C GLN N 6 23.12 -5.17 30.54
N GLN N 7 24.27 -5.85 30.58
CA GLN N 7 24.42 -7.11 31.27
C GLN N 7 25.82 -7.23 31.88
N ASN N 8 25.85 -7.65 33.14
CA ASN N 8 27.08 -7.72 33.91
C ASN N 8 27.14 -9.03 34.67
N GLN N 9 28.35 -9.45 35.03
CA GLN N 9 28.52 -10.69 35.75
C GLN N 9 29.73 -10.56 36.66
N SER N 10 29.63 -11.14 37.86
CA SER N 10 30.76 -11.17 38.79
C SER N 10 30.75 -12.45 39.60
N GLY O 1 -19.50 -2.71 -12.91
CA GLY O 1 -20.43 -3.41 -13.77
C GLY O 1 -20.46 -2.83 -15.16
N MET O 2 -21.55 -3.09 -15.89
CA MET O 2 -21.71 -2.60 -17.25
C MET O 2 -22.53 -1.32 -17.23
N LEU O 3 -22.04 -0.31 -17.95
CA LEU O 3 -22.66 1.00 -17.97
C LEU O 3 -22.80 1.46 -19.40
N ALA O 4 -24.02 1.90 -19.76
CA ALA O 4 -24.32 2.18 -21.16
C ALA O 4 -25.31 3.32 -21.27
N SER O 5 -25.28 4.00 -22.42
CA SER O 5 -26.20 5.12 -22.68
C SER O 5 -26.54 5.08 -24.17
N GLN O 6 -27.77 4.67 -24.48
CA GLN O 6 -28.24 4.61 -25.86
C GLN O 6 -29.14 5.81 -26.15
N GLN O 7 -28.81 6.55 -27.20
CA GLN O 7 -29.46 7.81 -27.50
C GLN O 7 -29.58 8.01 -29.01
N ASN O 8 -30.77 8.40 -29.45
CA ASN O 8 -31.08 8.53 -30.87
C ASN O 8 -31.82 9.84 -31.09
N GLN O 9 -31.76 10.33 -32.34
CA GLN O 9 -32.44 11.56 -32.68
C GLN O 9 -32.89 11.49 -34.13
N SER O 10 -34.07 12.05 -34.41
CA SER O 10 -34.56 12.13 -35.77
C SER O 10 -35.38 13.40 -35.98
N GLY P 1 5.49 2.20 22.77
CA GLY P 1 5.97 2.89 23.97
C GLY P 1 7.30 2.36 24.45
N MET P 2 7.60 2.59 25.73
CA MET P 2 8.85 2.14 26.32
C MET P 2 8.63 0.82 27.04
N LEU P 3 9.51 -0.13 26.79
CA LEU P 3 9.39 -1.49 27.33
C LEU P 3 10.71 -1.89 27.93
N ALA P 4 10.67 -2.37 29.18
CA ALA P 4 11.90 -2.62 29.92
C ALA P 4 11.72 -3.81 30.86
N SER P 5 12.85 -4.45 31.19
CA SER P 5 12.85 -5.59 32.10
C SER P 5 14.14 -5.53 32.92
N GLN P 6 13.99 -5.17 34.20
CA GLN P 6 15.13 -5.09 35.11
C GLN P 6 15.16 -6.31 36.02
N GLN P 7 16.29 -6.99 36.03
CA GLN P 7 16.42 -8.28 36.70
C GLN P 7 17.81 -8.43 37.31
N ASN P 8 17.85 -8.86 38.57
CA ASN P 8 19.09 -8.96 39.33
C ASN P 8 19.11 -10.29 40.06
N GLN P 9 20.33 -10.74 40.41
CA GLN P 9 20.48 -11.99 41.12
C GLN P 9 21.70 -11.89 42.03
N SER P 10 21.59 -12.49 43.21
CA SER P 10 22.72 -12.55 44.13
C SER P 10 22.70 -13.85 44.92
N GLY Q 1 17.30 3.36 14.34
CA GLY Q 1 17.75 4.08 15.50
C GLY Q 1 19.10 3.59 16.01
N MET Q 2 19.39 3.87 17.27
CA MET Q 2 20.65 3.45 17.87
C MET Q 2 20.46 2.16 18.64
N LEU Q 3 21.36 1.21 18.41
CA LEU Q 3 21.25 -0.13 18.98
C LEU Q 3 22.59 -0.50 19.60
N ALA Q 4 22.55 -0.94 20.86
CA ALA Q 4 23.79 -1.15 21.61
C ALA Q 4 23.63 -2.32 22.58
N SER Q 5 24.76 -2.92 22.93
CA SER Q 5 24.79 -4.04 23.87
C SER Q 5 26.07 -3.92 24.69
N GLN Q 6 25.92 -3.53 25.96
CA GLN Q 6 27.05 -3.40 26.87
C GLN Q 6 27.10 -4.61 27.80
N GLN Q 7 28.26 -5.26 27.84
CA GLN Q 7 28.41 -6.53 28.55
C GLN Q 7 29.80 -6.65 29.16
N ASN Q 8 29.85 -7.04 30.42
CA ASN Q 8 31.08 -7.10 31.19
C ASN Q 8 31.15 -8.41 31.96
N GLN Q 9 32.35 -8.81 32.32
CA GLN Q 9 32.53 -10.05 33.06
C GLN Q 9 33.75 -9.90 33.98
N SER Q 10 33.65 -10.46 35.18
CA SER Q 10 34.77 -10.48 36.09
C SER Q 10 34.78 -11.75 36.92
N GLY R 1 -7.55 -3.00 -21.22
CA GLY R 1 -8.46 -3.74 -22.06
C GLY R 1 -8.51 -3.20 -23.48
N MET R 2 -9.59 -3.51 -24.19
CA MET R 2 -9.76 -3.06 -25.56
C MET R 2 -10.61 -1.80 -25.59
N LEU R 3 -10.13 -0.80 -26.33
CA LEU R 3 -10.77 0.50 -26.37
C LEU R 3 -10.93 0.93 -27.83
N ALA R 4 -12.15 1.32 -28.20
CA ALA R 4 -12.45 1.56 -29.61
C ALA R 4 -13.47 2.68 -29.75
N SER R 5 -13.45 3.33 -30.91
CA SER R 5 -14.39 4.41 -31.21
C SER R 5 -14.72 4.34 -32.70
N GLN R 6 -15.94 3.89 -33.00
CA GLN R 6 -16.42 3.78 -34.37
C GLN R 6 -17.34 4.96 -34.69
N GLN R 7 -17.02 5.68 -35.77
CA GLN R 7 -17.70 6.91 -36.11
C GLN R 7 -17.81 7.08 -37.62
N ASN R 8 -19.01 7.43 -38.07
CA ASN R 8 -19.32 7.52 -39.49
C ASN R 8 -20.09 8.80 -39.76
N GLN R 9 -20.04 9.25 -41.01
CA GLN R 9 -20.74 10.47 -41.39
C GLN R 9 -21.19 10.35 -42.84
N SER R 10 -22.38 10.87 -43.13
CA SER R 10 -22.87 10.90 -44.50
C SER R 10 -23.71 12.15 -44.74
N GLY S 1 1.56 1.81 25.59
CA GLY S 1 2.04 2.48 26.78
C GLY S 1 3.36 1.94 27.27
N MET S 2 3.66 2.15 28.54
CA MET S 2 4.91 1.69 29.13
C MET S 2 4.69 0.37 29.84
N LEU S 3 5.56 -0.59 29.57
CA LEU S 3 5.43 -1.94 30.10
C LEU S 3 6.75 -2.37 30.71
N ALA S 4 6.70 -2.86 31.94
CA ALA S 4 7.94 -3.12 32.68
C ALA S 4 7.75 -4.32 33.61
N SER S 5 8.87 -4.97 33.93
CA SER S 5 8.86 -6.11 34.84
C SER S 5 10.15 -6.07 35.66
N GLN S 6 10.01 -5.72 36.94
CA GLN S 6 11.14 -5.65 37.85
C GLN S 6 11.17 -6.89 38.74
N GLN S 7 12.30 -7.58 38.75
CA GLN S 7 12.43 -8.87 39.41
C GLN S 7 13.82 -9.04 40.01
N ASN S 8 13.85 -9.48 41.26
CA ASN S 8 15.08 -9.60 42.03
C ASN S 8 15.11 -10.94 42.75
N GLN S 9 16.31 -11.39 43.10
CA GLN S 9 16.46 -12.65 43.80
C GLN S 9 17.67 -12.57 44.70
N SER S 10 17.56 -13.17 45.88
CA SER S 10 18.69 -13.25 46.80
C SER S 10 18.67 -14.56 47.58
N GLY T 1 -23.48 -2.61 -10.12
CA GLY T 1 -24.40 -3.30 -11.00
C GLY T 1 -24.45 -2.71 -12.39
N MET T 2 -25.54 -2.96 -13.11
CA MET T 2 -25.69 -2.45 -14.46
C MET T 2 -26.50 -1.17 -14.45
N LEU T 3 -26.00 -0.16 -15.15
CA LEU T 3 -26.61 1.16 -15.15
C LEU T 3 -26.76 1.64 -16.59
N ALA T 4 -27.97 2.08 -16.94
CA ALA T 4 -28.26 2.38 -18.34
C ALA T 4 -29.26 3.52 -18.43
N SER T 5 -29.22 4.22 -19.57
CA SER T 5 -30.13 5.34 -19.83
C SER T 5 -30.47 5.31 -21.32
N GLN T 6 -31.71 4.92 -21.64
CA GLN T 6 -32.18 4.88 -23.01
C GLN T 6 -33.07 6.08 -23.29
N GLN T 7 -32.74 6.83 -24.34
CA GLN T 7 -33.37 8.09 -24.63
C GLN T 7 -33.49 8.32 -26.14
N ASN T 8 -34.68 8.72 -26.57
CA ASN T 8 -34.99 8.86 -27.98
C ASN T 8 -35.73 10.17 -28.21
N GLN T 9 -35.67 10.67 -29.44
CA GLN T 9 -36.34 11.92 -29.77
C GLN T 9 -36.79 11.86 -31.22
N SER T 10 -37.96 12.42 -31.49
CA SER T 10 -38.45 12.52 -32.85
C SER T 10 -39.26 13.80 -33.05
#